data_2YV2
#
_entry.id   2YV2
#
_cell.length_a   59.542
_cell.length_b   137.183
_cell.length_c   74.867
_cell.angle_alpha   90.00
_cell.angle_beta   90.00
_cell.angle_gamma   90.00
#
_symmetry.space_group_name_H-M   'C 2 2 21'
#
loop_
_entity.id
_entity.type
_entity.pdbx_description
1 polymer 'Succinyl-CoA synthetase alpha chain'
2 water water
#
_entity_poly.entity_id   1
_entity_poly.type   'polypeptide(L)'
_entity_poly.pdbx_seq_one_letter_code
;MGWCVMAVLVDSETRVLVQGITGREGSFHAKAMLEYGTKVVAGVTPGKGGSEVHGVPVYDSVKEALAEHPEINTSIVFVP
APFAPDAVYEAVDAGIRLVVVITEGIPVHDTMRFVNYARQKGATIIGPNCPGAITPGQAKVGIMPGHIFKEGGVAVVSRS
GTLTYEISYMLTRQGIGQSTVIGIGGDPIVGLSFTEALKLFQEDPQTEALVLIGEIGGDMEERAAEMIKKGEFTKPVIAY
IAGRTAPPEKRMGHAGAIIMMGTGTYEGKVKALREAGVEVAETPFEVPELVRKALRR
;
_entity_poly.pdbx_strand_id   A
#
# COMPACT_ATOMS: atom_id res chain seq x y z
N LEU A 9 -2.59 1.05 -9.19
CA LEU A 9 -1.10 1.02 -9.17
C LEU A 9 -0.60 -0.42 -9.29
N VAL A 10 -1.46 -1.38 -8.95
CA VAL A 10 -1.11 -2.79 -8.99
C VAL A 10 -2.10 -3.62 -9.84
N ASP A 11 -1.58 -4.30 -10.86
CA ASP A 11 -2.42 -5.11 -11.74
C ASP A 11 -1.64 -6.18 -12.50
N SER A 12 -2.19 -6.65 -13.60
CA SER A 12 -1.55 -7.70 -14.40
C SER A 12 -0.26 -7.28 -15.08
N GLU A 13 -0.02 -5.97 -15.20
CA GLU A 13 1.20 -5.48 -15.83
C GLU A 13 2.31 -5.27 -14.81
N THR A 14 2.01 -5.54 -13.55
CA THR A 14 2.99 -5.39 -12.49
C THR A 14 4.16 -6.37 -12.68
N ARG A 15 5.38 -5.85 -12.62
CA ARG A 15 6.58 -6.66 -12.76
C ARG A 15 7.45 -6.31 -11.56
N VAL A 16 7.46 -7.18 -10.57
CA VAL A 16 8.16 -6.95 -9.30
C VAL A 16 9.62 -7.35 -9.12
N LEU A 17 10.37 -6.43 -8.50
CA LEU A 17 11.77 -6.66 -8.15
C LEU A 17 11.70 -6.71 -6.61
N VAL A 18 12.26 -7.75 -6.00
CA VAL A 18 12.24 -7.85 -4.55
C VAL A 18 13.61 -7.52 -3.98
N GLN A 19 13.70 -6.40 -3.26
CA GLN A 19 14.98 -6.02 -2.65
C GLN A 19 15.08 -6.64 -1.26
N GLY A 20 16.04 -7.54 -1.08
CA GLY A 20 16.22 -8.25 0.19
C GLY A 20 15.59 -9.64 0.04
N ILE A 21 15.64 -10.16 -1.17
CA ILE A 21 15.04 -11.44 -1.49
C ILE A 21 15.61 -12.69 -0.82
N THR A 22 16.90 -12.70 -0.53
CA THR A 22 17.50 -13.89 0.10
C THR A 22 17.18 -13.95 1.59
N GLY A 23 16.64 -12.87 2.13
CA GLY A 23 16.31 -12.85 3.55
C GLY A 23 15.10 -13.70 3.87
N ARG A 24 14.82 -13.86 5.16
CA ARG A 24 13.69 -14.66 5.61
C ARG A 24 12.39 -14.17 5.00
N GLU A 25 12.09 -12.90 5.22
CA GLU A 25 10.85 -12.31 4.73
C GLU A 25 10.83 -12.13 3.22
N GLY A 26 11.95 -11.65 2.69
CA GLY A 26 12.06 -11.44 1.25
C GLY A 26 11.81 -12.71 0.45
N SER A 27 12.38 -13.83 0.90
CA SER A 27 12.21 -15.11 0.20
C SER A 27 10.81 -15.70 0.38
N PHE A 28 10.27 -15.57 1.59
CA PHE A 28 8.93 -16.08 1.88
C PHE A 28 7.88 -15.36 1.04
N HIS A 29 7.92 -14.04 1.04
CA HIS A 29 6.93 -13.29 0.27
C HIS A 29 7.14 -13.31 -1.23
N ALA A 30 8.38 -13.54 -1.66
CA ALA A 30 8.64 -13.63 -3.09
C ALA A 30 7.85 -14.88 -3.51
N LYS A 31 7.94 -15.93 -2.70
CA LYS A 31 7.26 -17.18 -3.01
C LYS A 31 5.74 -17.01 -2.93
N ALA A 32 5.26 -16.37 -1.88
CA ALA A 32 3.83 -16.15 -1.72
C ALA A 32 3.29 -15.31 -2.87
N MET A 33 4.04 -14.30 -3.30
CA MET A 33 3.56 -13.47 -4.40
C MET A 33 3.48 -14.26 -5.71
N LEU A 34 4.49 -15.10 -5.96
CA LEU A 34 4.50 -15.94 -7.15
C LEU A 34 3.29 -16.87 -7.16
N GLU A 35 3.06 -17.55 -6.04
CA GLU A 35 1.94 -18.48 -5.91
C GLU A 35 0.59 -17.79 -6.09
N TYR A 36 0.54 -16.49 -5.83
CA TYR A 36 -0.69 -15.72 -5.96
C TYR A 36 -0.91 -15.33 -7.41
N GLY A 37 0.17 -15.26 -8.17
CA GLY A 37 0.06 -14.90 -9.57
C GLY A 37 0.79 -13.61 -9.91
N THR A 38 1.50 -13.05 -8.94
CA THR A 38 2.26 -11.83 -9.16
C THR A 38 3.51 -12.19 -9.96
N LYS A 39 3.87 -11.37 -10.93
CA LYS A 39 5.07 -11.65 -11.72
C LYS A 39 6.29 -11.07 -11.00
N VAL A 40 6.96 -11.90 -10.21
CA VAL A 40 8.17 -11.50 -9.52
C VAL A 40 9.27 -11.94 -10.50
N VAL A 41 9.94 -10.99 -11.13
CA VAL A 41 10.96 -11.30 -12.12
C VAL A 41 12.40 -11.31 -11.65
N ALA A 42 12.69 -10.68 -10.51
CA ALA A 42 14.05 -10.66 -10.01
C ALA A 42 14.12 -10.15 -8.58
N GLY A 43 15.31 -10.31 -7.99
CA GLY A 43 15.54 -9.86 -6.62
C GLY A 43 16.94 -9.31 -6.46
N VAL A 44 17.15 -8.53 -5.41
CA VAL A 44 18.47 -7.96 -5.16
C VAL A 44 18.93 -8.17 -3.72
N THR A 45 20.18 -8.56 -3.57
CA THR A 45 20.83 -8.75 -2.28
C THR A 45 22.32 -8.65 -2.55
N PRO A 46 22.95 -7.53 -2.15
CA PRO A 46 24.38 -7.37 -2.39
C PRO A 46 25.18 -8.59 -1.94
N GLY A 47 26.00 -9.14 -2.85
CA GLY A 47 26.81 -10.29 -2.50
C GLY A 47 26.20 -11.63 -2.85
N LYS A 48 24.95 -11.63 -3.28
CA LYS A 48 24.27 -12.88 -3.64
C LYS A 48 24.00 -12.96 -5.14
N GLY A 49 24.52 -11.99 -5.89
CA GLY A 49 24.32 -11.98 -7.33
C GLY A 49 24.68 -13.31 -7.96
N GLY A 50 23.86 -13.76 -8.90
CA GLY A 50 24.13 -15.02 -9.56
C GLY A 50 23.39 -16.16 -8.90
N SER A 51 22.87 -15.92 -7.70
CA SER A 51 22.12 -16.95 -7.00
C SER A 51 20.67 -16.96 -7.47
N GLU A 52 19.84 -17.74 -6.79
CA GLU A 52 18.44 -17.85 -7.18
C GLU A 52 17.61 -18.23 -5.97
N VAL A 53 16.44 -17.61 -5.83
CA VAL A 53 15.53 -17.88 -4.72
C VAL A 53 14.17 -18.26 -5.30
N HIS A 54 13.73 -19.49 -5.02
CA HIS A 54 12.46 -20.01 -5.52
C HIS A 54 12.30 -19.77 -7.03
N GLY A 55 13.40 -19.88 -7.77
CA GLY A 55 13.36 -19.68 -9.21
C GLY A 55 13.60 -18.25 -9.66
N VAL A 56 13.60 -17.31 -8.72
CA VAL A 56 13.81 -15.91 -9.03
C VAL A 56 15.31 -15.58 -9.06
N PRO A 57 15.79 -14.98 -10.15
CA PRO A 57 17.21 -14.64 -10.24
C PRO A 57 17.59 -13.50 -9.31
N VAL A 58 18.74 -13.65 -8.64
CA VAL A 58 19.23 -12.65 -7.69
C VAL A 58 20.40 -11.85 -8.27
N TYR A 59 20.38 -10.54 -8.02
CA TYR A 59 21.42 -9.63 -8.51
C TYR A 59 22.03 -8.84 -7.34
N ASP A 60 23.29 -8.43 -7.50
CA ASP A 60 23.96 -7.66 -6.46
C ASP A 60 23.45 -6.22 -6.37
N SER A 61 22.74 -5.76 -7.40
CA SER A 61 22.23 -4.39 -7.40
C SER A 61 20.98 -4.25 -8.27
N VAL A 62 20.21 -3.20 -8.01
CA VAL A 62 19.01 -2.94 -8.78
C VAL A 62 19.38 -2.70 -10.25
N LYS A 63 20.45 -1.95 -10.46
CA LYS A 63 20.95 -1.64 -11.80
C LYS A 63 21.11 -2.91 -12.63
N GLU A 64 21.81 -3.90 -12.07
CA GLU A 64 22.05 -5.15 -12.78
C GLU A 64 20.76 -5.92 -13.05
N ALA A 65 19.85 -5.90 -12.09
CA ALA A 65 18.56 -6.57 -12.24
C ALA A 65 17.84 -5.99 -13.46
N LEU A 66 17.78 -4.66 -13.53
CA LEU A 66 17.12 -3.96 -14.62
C LEU A 66 17.76 -4.19 -15.98
N ALA A 67 19.09 -4.33 -16.00
CA ALA A 67 19.79 -4.57 -17.26
C ALA A 67 19.28 -5.87 -17.87
N GLU A 68 19.14 -6.88 -17.02
CA GLU A 68 18.68 -8.20 -17.46
C GLU A 68 17.15 -8.35 -17.48
N HIS A 69 16.45 -7.43 -16.82
CA HIS A 69 14.99 -7.46 -16.76
C HIS A 69 14.42 -6.04 -16.81
N PRO A 70 14.49 -5.39 -17.97
CA PRO A 70 13.97 -4.03 -18.09
C PRO A 70 12.46 -3.85 -17.91
N GLU A 71 11.68 -4.93 -17.90
CA GLU A 71 10.24 -4.78 -17.73
C GLU A 71 9.85 -4.48 -16.28
N ILE A 72 10.81 -4.56 -15.36
CA ILE A 72 10.55 -4.27 -13.95
C ILE A 72 9.98 -2.87 -13.80
N ASN A 73 8.86 -2.75 -13.10
CA ASN A 73 8.27 -1.43 -12.88
C ASN A 73 7.91 -1.22 -11.41
N THR A 74 8.13 -2.25 -10.60
CA THR A 74 7.77 -2.17 -9.19
C THR A 74 8.76 -2.87 -8.31
N SER A 75 9.05 -2.25 -7.17
CA SER A 75 9.98 -2.85 -6.23
C SER A 75 9.34 -2.94 -4.84
N ILE A 76 9.65 -4.00 -4.10
CA ILE A 76 9.15 -4.15 -2.74
C ILE A 76 10.37 -4.36 -1.88
N VAL A 77 10.45 -3.60 -0.79
CA VAL A 77 11.61 -3.64 0.11
C VAL A 77 11.44 -4.44 1.41
N PHE A 78 12.25 -5.48 1.55
CA PHE A 78 12.26 -6.37 2.73
C PHE A 78 13.68 -6.31 3.27
N VAL A 79 14.14 -5.09 3.54
CA VAL A 79 15.48 -4.88 4.03
C VAL A 79 15.41 -4.31 5.44
N PRO A 80 16.32 -4.76 6.33
CA PRO A 80 16.30 -4.24 7.70
C PRO A 80 16.41 -2.73 7.67
N ALA A 81 15.81 -2.08 8.66
CA ALA A 81 15.76 -0.63 8.78
C ALA A 81 17.04 0.15 8.47
N PRO A 82 18.19 -0.28 9.03
CA PRO A 82 19.42 0.47 8.75
C PRO A 82 19.74 0.58 7.26
N PHE A 83 19.30 -0.42 6.48
CA PHE A 83 19.57 -0.45 5.05
C PHE A 83 18.40 -0.08 4.17
N ALA A 84 17.22 0.08 4.76
CA ALA A 84 16.03 0.38 3.98
C ALA A 84 16.13 1.68 3.18
N PRO A 85 16.60 2.78 3.80
CA PRO A 85 16.71 4.04 3.05
C PRO A 85 17.55 3.90 1.80
N ASP A 86 18.72 3.26 1.92
CA ASP A 86 19.59 3.05 0.77
C ASP A 86 18.89 2.26 -0.32
N ALA A 87 18.13 1.24 0.08
CA ALA A 87 17.41 0.41 -0.88
C ALA A 87 16.41 1.27 -1.64
N VAL A 88 15.78 2.21 -0.93
CA VAL A 88 14.82 3.09 -1.59
C VAL A 88 15.53 4.01 -2.62
N TYR A 89 16.68 4.57 -2.22
CA TYR A 89 17.40 5.45 -3.13
C TYR A 89 17.88 4.69 -4.36
N GLU A 90 18.35 3.46 -4.16
CA GLU A 90 18.84 2.66 -5.27
C GLU A 90 17.74 2.40 -6.30
N ALA A 91 16.53 2.09 -5.82
CA ALA A 91 15.38 1.83 -6.69
C ALA A 91 14.93 3.08 -7.46
N VAL A 92 14.70 4.16 -6.73
CA VAL A 92 14.29 5.41 -7.35
C VAL A 92 15.30 5.87 -8.41
N ASP A 93 16.59 5.89 -8.04
CA ASP A 93 17.64 6.30 -8.97
C ASP A 93 17.73 5.39 -10.18
N ALA A 94 17.15 4.20 -10.10
CA ALA A 94 17.20 3.29 -11.23
C ALA A 94 16.00 3.53 -12.14
N GLY A 95 15.11 4.43 -11.73
CA GLY A 95 13.92 4.73 -12.53
C GLY A 95 12.64 3.98 -12.17
N ILE A 96 12.69 3.16 -11.12
CA ILE A 96 11.50 2.42 -10.69
C ILE A 96 10.51 3.45 -10.13
N ARG A 97 9.27 3.37 -10.61
CA ARG A 97 8.23 4.35 -10.24
C ARG A 97 7.35 4.02 -9.05
N LEU A 98 7.32 2.76 -8.63
CA LEU A 98 6.54 2.38 -7.47
C LEU A 98 7.41 1.54 -6.55
N VAL A 99 7.61 2.03 -5.33
CA VAL A 99 8.41 1.31 -4.36
C VAL A 99 7.64 1.09 -3.08
N VAL A 100 7.41 -0.18 -2.76
CA VAL A 100 6.68 -0.60 -1.57
C VAL A 100 7.68 -0.88 -0.46
N VAL A 101 7.56 -0.17 0.64
CA VAL A 101 8.47 -0.39 1.75
C VAL A 101 7.75 -1.02 2.93
N ILE A 102 8.04 -2.29 3.15
CA ILE A 102 7.39 -3.02 4.24
C ILE A 102 8.08 -2.68 5.55
N THR A 103 9.39 -2.52 5.48
CA THR A 103 10.21 -2.22 6.63
C THR A 103 9.63 -1.28 7.68
N GLU A 104 9.69 -1.74 8.92
CA GLU A 104 9.20 -1.01 10.07
C GLU A 104 10.44 -0.56 10.87
N GLY A 105 10.29 0.45 11.72
CA GLY A 105 11.41 0.91 12.52
C GLY A 105 12.40 1.90 11.91
N ILE A 106 12.08 2.50 10.76
CA ILE A 106 12.99 3.47 10.15
C ILE A 106 12.85 4.82 10.84
N PRO A 107 13.97 5.45 11.24
CA PRO A 107 13.87 6.76 11.90
C PRO A 107 13.04 7.68 11.00
N VAL A 108 12.12 8.44 11.61
CA VAL A 108 11.25 9.34 10.87
C VAL A 108 11.97 10.33 9.93
N HIS A 109 13.08 10.91 10.39
CA HIS A 109 13.81 11.85 9.55
C HIS A 109 14.33 11.18 8.29
N ASP A 110 14.74 9.92 8.41
CA ASP A 110 15.25 9.20 7.25
C ASP A 110 14.13 8.97 6.24
N THR A 111 12.94 8.66 6.73
CA THR A 111 11.79 8.42 5.87
C THR A 111 11.37 9.73 5.22
N MET A 112 11.41 10.81 5.99
CA MET A 112 11.06 12.12 5.45
C MET A 112 11.99 12.39 4.27
N ARG A 113 13.28 12.10 4.46
CA ARG A 113 14.24 12.33 3.40
C ARG A 113 14.03 11.49 2.14
N PHE A 114 13.81 10.18 2.25
CA PHE A 114 13.65 9.43 1.01
C PHE A 114 12.29 9.58 0.36
N VAL A 115 11.29 10.00 1.13
CA VAL A 115 9.96 10.21 0.57
C VAL A 115 9.98 11.52 -0.24
N ASN A 116 10.68 12.53 0.30
CA ASN A 116 10.76 13.81 -0.41
C ASN A 116 11.56 13.63 -1.69
N TYR A 117 12.62 12.84 -1.60
CA TYR A 117 13.46 12.57 -2.75
C TYR A 117 12.61 11.85 -3.82
N ALA A 118 11.83 10.86 -3.39
CA ALA A 118 10.98 10.10 -4.31
C ALA A 118 9.98 11.04 -4.99
N ARG A 119 9.39 11.93 -4.20
CA ARG A 119 8.41 12.86 -4.76
C ARG A 119 9.10 13.76 -5.80
N GLN A 120 10.32 14.16 -5.48
CA GLN A 120 11.12 15.01 -6.36
C GLN A 120 11.44 14.33 -7.70
N LYS A 121 11.65 13.02 -7.65
CA LYS A 121 11.98 12.25 -8.85
C LYS A 121 10.79 11.64 -9.60
N GLY A 122 9.58 11.85 -9.11
CA GLY A 122 8.41 11.30 -9.76
C GLY A 122 8.09 9.86 -9.38
N ALA A 123 8.64 9.38 -8.27
CA ALA A 123 8.38 8.01 -7.84
C ALA A 123 7.33 7.98 -6.74
N THR A 124 6.60 6.88 -6.66
CA THR A 124 5.59 6.72 -5.63
C THR A 124 6.08 5.74 -4.57
N ILE A 125 5.96 6.12 -3.31
CA ILE A 125 6.36 5.27 -2.20
C ILE A 125 5.12 4.82 -1.48
N ILE A 126 5.03 3.53 -1.19
CA ILE A 126 3.91 3.02 -0.39
C ILE A 126 4.59 2.51 0.88
N GLY A 127 4.30 3.16 2.00
CA GLY A 127 4.92 2.79 3.26
C GLY A 127 5.67 3.99 3.82
N PRO A 128 6.67 3.78 4.71
CA PRO A 128 7.12 2.49 5.22
C PRO A 128 6.19 1.90 6.29
N ASN A 129 6.64 0.82 6.94
CA ASN A 129 5.84 0.14 7.97
C ASN A 129 4.41 -0.12 7.46
N CYS A 130 4.31 -0.85 6.35
CA CYS A 130 3.01 -1.17 5.75
C CYS A 130 2.97 -2.60 5.20
N PRO A 131 1.78 -3.09 4.85
CA PRO A 131 1.68 -4.45 4.32
C PRO A 131 1.68 -4.52 2.79
N GLY A 132 1.76 -3.36 2.14
CA GLY A 132 1.76 -3.31 0.69
C GLY A 132 0.39 -3.09 0.07
N ALA A 133 0.23 -3.53 -1.17
CA ALA A 133 -1.02 -3.37 -1.90
C ALA A 133 -1.44 -4.64 -2.62
N ILE A 134 -2.74 -4.79 -2.81
CA ILE A 134 -3.24 -5.95 -3.51
C ILE A 134 -4.49 -5.62 -4.30
N THR A 135 -4.56 -6.15 -5.51
CA THR A 135 -5.71 -6.00 -6.39
C THR A 135 -6.18 -7.45 -6.48
N PRO A 136 -7.16 -7.83 -5.65
CA PRO A 136 -7.69 -9.20 -5.63
C PRO A 136 -7.91 -9.79 -7.01
N GLY A 137 -7.37 -10.99 -7.20
CA GLY A 137 -7.51 -11.69 -8.46
C GLY A 137 -6.53 -11.28 -9.54
N GLN A 138 -5.80 -10.19 -9.32
CA GLN A 138 -4.84 -9.74 -10.33
C GLN A 138 -3.38 -9.82 -9.89
N ALA A 139 -3.03 -9.06 -8.85
CA ALA A 139 -1.66 -9.06 -8.37
C ALA A 139 -1.54 -8.58 -6.94
N LYS A 140 -0.48 -9.03 -6.29
CA LYS A 140 -0.23 -8.66 -4.91
C LYS A 140 1.22 -8.22 -4.77
N VAL A 141 1.43 -7.02 -4.25
CA VAL A 141 2.78 -6.50 -4.01
C VAL A 141 2.75 -6.14 -2.54
N GLY A 142 2.90 -7.16 -1.70
CA GLY A 142 2.85 -6.96 -0.27
C GLY A 142 2.91 -8.27 0.47
N ILE A 143 2.52 -8.23 1.75
CA ILE A 143 2.59 -9.41 2.62
C ILE A 143 1.27 -10.03 3.03
N MET A 144 0.15 -9.45 2.59
CA MET A 144 -1.16 -9.94 2.96
C MET A 144 -1.56 -11.28 2.32
N PRO A 145 -2.15 -12.19 3.13
CA PRO A 145 -2.57 -13.49 2.60
C PRO A 145 -3.70 -13.25 1.60
N GLY A 146 -3.58 -13.82 0.41
CA GLY A 146 -4.61 -13.59 -0.58
C GLY A 146 -6.02 -14.10 -0.31
N HIS A 147 -6.16 -15.11 0.55
CA HIS A 147 -7.47 -15.70 0.79
C HIS A 147 -8.51 -14.87 1.52
N ILE A 148 -8.10 -13.77 2.15
CA ILE A 148 -9.08 -12.95 2.87
C ILE A 148 -9.66 -11.84 2.00
N PHE A 149 -9.22 -11.77 0.75
CA PHE A 149 -9.67 -10.75 -0.19
C PHE A 149 -10.55 -11.37 -1.27
N LYS A 150 -11.25 -10.51 -2.01
CA LYS A 150 -12.15 -10.95 -3.07
C LYS A 150 -12.23 -9.84 -4.12
N GLU A 151 -12.24 -10.22 -5.40
CA GLU A 151 -12.30 -9.27 -6.51
C GLU A 151 -13.64 -8.53 -6.54
N GLY A 152 -13.58 -7.21 -6.47
CA GLY A 152 -14.80 -6.40 -6.46
C GLY A 152 -14.61 -4.92 -6.74
N GLY A 153 -15.57 -4.11 -6.28
CA GLY A 153 -15.51 -2.68 -6.53
C GLY A 153 -15.28 -1.73 -5.36
N VAL A 154 -14.90 -2.25 -4.20
CA VAL A 154 -14.65 -1.36 -3.06
C VAL A 154 -13.15 -1.17 -2.80
N ALA A 155 -12.69 0.07 -2.85
CA ALA A 155 -11.29 0.38 -2.59
C ALA A 155 -11.09 0.48 -1.07
N VAL A 156 -9.92 0.07 -0.60
CA VAL A 156 -9.61 0.17 0.83
C VAL A 156 -8.22 0.79 0.99
N VAL A 157 -8.14 1.87 1.76
CA VAL A 157 -6.87 2.55 2.02
C VAL A 157 -6.76 2.63 3.53
N SER A 158 -5.63 2.18 4.07
CA SER A 158 -5.50 2.12 5.52
C SER A 158 -4.13 2.39 6.14
N ARG A 159 -4.14 3.09 7.28
CA ARG A 159 -2.90 3.38 8.01
C ARG A 159 -2.63 2.20 8.93
N SER A 160 -3.65 1.38 9.17
CA SER A 160 -3.53 0.22 10.06
C SER A 160 -3.49 -1.12 9.35
N GLY A 161 -2.40 -1.85 9.53
CA GLY A 161 -2.25 -3.15 8.91
C GLY A 161 -3.28 -4.17 9.40
N THR A 162 -3.48 -4.26 10.72
CA THR A 162 -4.43 -5.21 11.28
C THR A 162 -5.85 -4.93 10.85
N LEU A 163 -6.25 -3.67 10.86
CA LEU A 163 -7.60 -3.29 10.46
C LEU A 163 -7.80 -3.53 8.95
N THR A 164 -6.72 -3.45 8.17
CA THR A 164 -6.81 -3.70 6.73
C THR A 164 -7.26 -5.15 6.54
N TYR A 165 -6.65 -6.05 7.29
CA TYR A 165 -6.97 -7.48 7.21
C TYR A 165 -8.38 -7.78 7.70
N GLU A 166 -8.66 -7.34 8.92
CA GLU A 166 -9.95 -7.52 9.56
C GLU A 166 -11.13 -6.97 8.76
N ILE A 167 -11.02 -5.72 8.33
CA ILE A 167 -12.11 -5.11 7.58
C ILE A 167 -12.26 -5.72 6.19
N SER A 168 -11.15 -5.99 5.50
CA SER A 168 -11.20 -6.59 4.18
C SER A 168 -11.87 -7.96 4.30
N TYR A 169 -11.43 -8.77 5.26
CA TYR A 169 -12.00 -10.09 5.46
C TYR A 169 -13.50 -9.99 5.71
N MET A 170 -13.93 -9.04 6.54
CA MET A 170 -15.35 -8.88 6.83
C MET A 170 -16.12 -8.59 5.55
N LEU A 171 -15.58 -7.72 4.71
CA LEU A 171 -16.23 -7.40 3.44
C LEU A 171 -16.34 -8.66 2.58
N THR A 172 -15.26 -9.42 2.51
CA THR A 172 -15.25 -10.64 1.71
C THR A 172 -16.31 -11.65 2.17
N ARG A 173 -16.45 -11.82 3.48
CA ARG A 173 -17.43 -12.77 4.00
C ARG A 173 -18.86 -12.38 3.62
N GLN A 174 -19.08 -11.09 3.41
CA GLN A 174 -20.38 -10.58 3.02
C GLN A 174 -20.53 -10.53 1.51
N GLY A 175 -19.53 -11.06 0.80
CA GLY A 175 -19.57 -11.06 -0.65
C GLY A 175 -19.28 -9.70 -1.25
N ILE A 176 -18.61 -8.84 -0.50
CA ILE A 176 -18.29 -7.52 -1.01
C ILE A 176 -16.80 -7.46 -1.35
N GLY A 177 -16.49 -7.67 -2.62
CA GLY A 177 -15.11 -7.66 -3.06
C GLY A 177 -14.47 -6.29 -3.10
N GLN A 178 -13.15 -6.28 -3.25
CA GLN A 178 -12.38 -5.06 -3.28
C GLN A 178 -11.69 -4.87 -4.64
N SER A 179 -11.46 -3.61 -5.01
CA SER A 179 -10.80 -3.27 -6.28
C SER A 179 -9.30 -3.37 -5.99
N THR A 180 -8.79 -2.40 -5.24
CA THR A 180 -7.40 -2.44 -4.82
C THR A 180 -7.38 -2.05 -3.34
N VAL A 181 -6.61 -2.81 -2.56
CA VAL A 181 -6.47 -2.58 -1.13
C VAL A 181 -5.05 -2.09 -0.90
N ILE A 182 -4.92 -0.94 -0.27
CA ILE A 182 -3.60 -0.38 0.00
C ILE A 182 -3.38 -0.05 1.47
N GLY A 183 -2.33 -0.62 2.04
CA GLY A 183 -1.98 -0.31 3.42
C GLY A 183 -0.89 0.75 3.27
N ILE A 184 -1.22 2.02 3.50
CA ILE A 184 -0.22 3.08 3.33
C ILE A 184 0.84 3.26 4.42
N GLY A 185 0.73 2.50 5.50
CA GLY A 185 1.74 2.59 6.54
C GLY A 185 1.27 3.22 7.85
N GLY A 186 1.92 2.81 8.94
CA GLY A 186 1.55 3.33 10.24
C GLY A 186 2.59 4.25 10.88
N ASP A 187 3.56 4.72 10.10
CA ASP A 187 4.60 5.61 10.62
C ASP A 187 4.14 7.08 10.62
N PRO A 188 4.82 7.95 11.39
CA PRO A 188 4.47 9.37 11.46
C PRO A 188 4.46 9.97 10.06
N ILE A 189 5.38 9.52 9.22
CA ILE A 189 5.47 9.97 7.85
C ILE A 189 5.49 8.76 6.93
N VAL A 190 4.65 8.81 5.89
CA VAL A 190 4.57 7.75 4.91
C VAL A 190 4.59 8.38 3.53
N GLY A 191 4.51 7.55 2.49
CA GLY A 191 4.54 8.07 1.13
C GLY A 191 3.14 8.44 0.68
N LEU A 192 2.50 7.56 -0.09
CA LEU A 192 1.16 7.78 -0.60
C LEU A 192 0.20 8.13 0.55
N SER A 193 -0.55 9.21 0.39
CA SER A 193 -1.49 9.65 1.42
C SER A 193 -2.93 9.35 1.05
N PHE A 194 -3.84 9.58 2.00
CA PHE A 194 -5.26 9.35 1.76
C PHE A 194 -5.75 10.21 0.59
N THR A 195 -5.42 11.51 0.60
CA THR A 195 -5.87 12.37 -0.49
C THR A 195 -5.35 11.89 -1.85
N GLU A 196 -4.06 11.55 -1.93
CA GLU A 196 -3.50 11.04 -3.19
C GLU A 196 -4.17 9.73 -3.59
N ALA A 197 -4.45 8.89 -2.60
CA ALA A 197 -5.10 7.60 -2.85
C ALA A 197 -6.51 7.89 -3.39
N LEU A 198 -7.19 8.85 -2.78
CA LEU A 198 -8.54 9.23 -3.20
C LEU A 198 -8.50 9.73 -4.64
N LYS A 199 -7.48 10.52 -4.97
CA LYS A 199 -7.34 11.02 -6.34
C LYS A 199 -7.22 9.87 -7.33
N LEU A 200 -6.41 8.87 -6.99
CA LEU A 200 -6.24 7.71 -7.86
C LEU A 200 -7.54 6.94 -8.03
N PHE A 201 -8.22 6.66 -6.92
CA PHE A 201 -9.46 5.89 -6.97
C PHE A 201 -10.64 6.59 -7.62
N GLN A 202 -10.62 7.91 -7.62
CA GLN A 202 -11.70 8.68 -8.24
C GLN A 202 -11.72 8.36 -9.74
N GLU A 203 -10.54 8.18 -10.33
CA GLU A 203 -10.42 7.88 -11.75
C GLU A 203 -10.45 6.37 -12.08
N ASP A 204 -10.53 5.53 -11.06
CA ASP A 204 -10.53 4.08 -11.27
C ASP A 204 -11.92 3.54 -11.58
N PRO A 205 -12.15 3.12 -12.84
CA PRO A 205 -13.47 2.60 -13.23
C PRO A 205 -13.93 1.37 -12.43
N GLN A 206 -13.01 0.60 -11.87
CA GLN A 206 -13.42 -0.58 -11.11
C GLN A 206 -13.93 -0.23 -9.71
N THR A 207 -13.58 0.96 -9.23
CA THR A 207 -13.98 1.37 -7.89
C THR A 207 -15.30 2.11 -7.81
N GLU A 208 -16.22 1.58 -7.01
CA GLU A 208 -17.57 2.14 -6.82
C GLU A 208 -17.68 2.86 -5.49
N ALA A 209 -16.91 2.41 -4.51
CA ALA A 209 -16.92 3.00 -3.18
C ALA A 209 -15.56 2.81 -2.56
N LEU A 210 -15.27 3.59 -1.52
CA LEU A 210 -13.98 3.49 -0.86
C LEU A 210 -14.11 3.48 0.66
N VAL A 211 -13.29 2.66 1.29
CA VAL A 211 -13.23 2.54 2.74
C VAL A 211 -11.91 3.17 3.20
N LEU A 212 -12.01 4.14 4.08
CA LEU A 212 -10.84 4.84 4.60
C LEU A 212 -10.66 4.44 6.06
N ILE A 213 -9.50 3.84 6.34
CA ILE A 213 -9.19 3.39 7.69
C ILE A 213 -8.05 4.24 8.26
N GLY A 214 -8.39 5.09 9.22
CA GLY A 214 -7.40 5.95 9.82
C GLY A 214 -7.24 5.74 11.31
N GLU A 215 -6.57 6.68 11.95
CA GLU A 215 -6.35 6.63 13.38
C GLU A 215 -5.81 7.98 13.85
N ILE A 216 -5.49 8.07 15.14
CA ILE A 216 -4.99 9.31 15.71
C ILE A 216 -3.60 9.65 15.19
N GLY A 217 -3.27 10.94 15.20
CA GLY A 217 -1.96 11.37 14.74
C GLY A 217 -1.95 11.88 13.31
N GLY A 218 -1.18 12.94 13.08
CA GLY A 218 -1.09 13.51 11.76
C GLY A 218 -2.37 14.24 11.39
N ASP A 219 -2.41 14.76 10.18
CA ASP A 219 -3.57 15.52 9.69
C ASP A 219 -4.06 14.94 8.36
N MET A 220 -3.56 13.75 8.02
CA MET A 220 -3.89 13.10 6.76
C MET A 220 -5.40 12.85 6.60
N GLU A 221 -6.07 12.43 7.67
CA GLU A 221 -7.50 12.18 7.59
C GLU A 221 -8.24 13.49 7.38
N GLU A 222 -7.79 14.54 8.06
CA GLU A 222 -8.41 15.85 7.96
C GLU A 222 -8.23 16.44 6.57
N ARG A 223 -7.10 16.18 5.94
CA ARG A 223 -6.86 16.73 4.60
C ARG A 223 -7.68 15.98 3.57
N ALA A 224 -8.03 14.73 3.88
CA ALA A 224 -8.81 13.92 2.96
C ALA A 224 -10.27 14.39 2.99
N ALA A 225 -10.76 14.71 4.18
CA ALA A 225 -12.13 15.21 4.31
C ALA A 225 -12.20 16.54 3.56
N GLU A 226 -11.11 17.29 3.66
CA GLU A 226 -10.98 18.60 3.03
C GLU A 226 -11.08 18.47 1.50
N MET A 227 -10.34 17.53 0.94
CA MET A 227 -10.34 17.34 -0.52
C MET A 227 -11.70 16.79 -0.99
N ILE A 228 -12.36 16.02 -0.14
CA ILE A 228 -13.66 15.47 -0.49
C ILE A 228 -14.71 16.59 -0.49
N LYS A 229 -14.64 17.47 0.52
CA LYS A 229 -15.57 18.59 0.63
C LYS A 229 -15.47 19.46 -0.62
N LYS A 230 -14.27 19.55 -1.18
CA LYS A 230 -14.04 20.33 -2.40
C LYS A 230 -14.59 19.63 -3.64
N GLY A 231 -15.15 18.44 -3.45
CA GLY A 231 -15.70 17.70 -4.58
C GLY A 231 -14.65 17.01 -5.44
N GLU A 232 -13.46 16.78 -4.88
CA GLU A 232 -12.38 16.13 -5.62
C GLU A 232 -12.52 14.60 -5.64
N PHE A 233 -13.49 14.09 -4.88
CA PHE A 233 -13.78 12.66 -4.83
C PHE A 233 -15.29 12.59 -4.65
N THR A 234 -15.97 12.07 -5.67
CA THR A 234 -17.43 12.01 -5.67
C THR A 234 -18.10 10.67 -5.38
N LYS A 235 -17.31 9.61 -5.24
CA LYS A 235 -17.88 8.30 -4.96
C LYS A 235 -18.10 8.18 -3.46
N PRO A 236 -18.98 7.27 -3.02
CA PRO A 236 -19.25 7.09 -1.58
C PRO A 236 -17.99 6.75 -0.78
N VAL A 237 -17.91 7.29 0.43
CA VAL A 237 -16.77 7.03 1.31
C VAL A 237 -17.21 6.58 2.70
N ILE A 238 -16.77 5.39 3.09
CA ILE A 238 -17.06 4.86 4.41
C ILE A 238 -15.73 4.87 5.14
N ALA A 239 -15.71 5.45 6.34
CA ALA A 239 -14.47 5.50 7.09
C ALA A 239 -14.56 4.88 8.48
N TYR A 240 -13.40 4.65 9.06
CA TYR A 240 -13.29 4.12 10.41
C TYR A 240 -11.99 4.66 10.98
N ILE A 241 -12.08 5.21 12.18
CA ILE A 241 -10.91 5.79 12.85
C ILE A 241 -10.64 5.09 14.17
N ALA A 242 -9.51 4.42 14.26
CA ALA A 242 -9.14 3.73 15.49
C ALA A 242 -8.69 4.75 16.54
N GLY A 243 -8.74 4.37 17.81
CA GLY A 243 -8.34 5.27 18.88
C GLY A 243 -9.48 5.81 19.72
N ARG A 244 -10.67 5.23 19.56
CA ARG A 244 -11.85 5.64 20.32
C ARG A 244 -11.68 5.29 21.80
N THR A 263 -6.94 18.79 15.24
CA THR A 263 -6.14 18.07 14.27
C THR A 263 -5.29 17.00 14.93
N GLY A 264 -5.40 15.76 14.46
CA GLY A 264 -4.64 14.68 15.04
C GLY A 264 -5.44 13.87 16.05
N THR A 265 -6.51 14.46 16.56
CA THR A 265 -7.35 13.78 17.55
C THR A 265 -8.42 12.91 16.88
N TYR A 266 -8.85 11.88 17.60
CA TYR A 266 -9.88 10.98 17.12
C TYR A 266 -11.10 11.83 16.82
N GLU A 267 -11.55 12.58 17.83
CA GLU A 267 -12.72 13.44 17.73
C GLU A 267 -12.62 14.32 16.48
N GLY A 268 -11.57 15.15 16.42
CA GLY A 268 -11.38 16.04 15.29
C GLY A 268 -11.44 15.39 13.91
N LYS A 269 -10.90 14.17 13.82
CA LYS A 269 -10.91 13.46 12.55
C LYS A 269 -12.32 13.02 12.20
N VAL A 270 -13.01 12.38 13.15
CA VAL A 270 -14.36 11.95 12.89
C VAL A 270 -15.25 13.13 12.48
N LYS A 271 -15.27 14.17 13.31
CA LYS A 271 -16.10 15.34 13.02
C LYS A 271 -15.77 15.90 11.64
N ALA A 272 -14.49 15.91 11.30
CA ALA A 272 -14.05 16.44 10.01
C ALA A 272 -14.57 15.61 8.83
N LEU A 273 -14.45 14.29 8.91
CA LEU A 273 -14.92 13.43 7.83
C LEU A 273 -16.43 13.51 7.69
N ARG A 274 -17.12 13.53 8.82
CA ARG A 274 -18.58 13.60 8.80
C ARG A 274 -19.10 14.88 8.16
N GLU A 275 -18.51 16.02 8.50
CA GLU A 275 -18.97 17.28 7.89
C GLU A 275 -18.62 17.31 6.40
N ALA A 276 -17.88 16.32 5.94
CA ALA A 276 -17.50 16.24 4.53
C ALA A 276 -18.47 15.32 3.79
N GLY A 277 -19.34 14.65 4.54
CA GLY A 277 -20.30 13.77 3.93
C GLY A 277 -19.86 12.31 3.95
N VAL A 278 -18.93 11.99 4.84
CA VAL A 278 -18.43 10.63 4.94
C VAL A 278 -19.17 9.86 6.03
N GLU A 279 -19.56 8.63 5.72
CA GLU A 279 -20.24 7.77 6.68
C GLU A 279 -19.17 7.15 7.57
N VAL A 280 -19.07 7.64 8.79
CA VAL A 280 -18.07 7.12 9.71
C VAL A 280 -18.66 5.97 10.54
N ALA A 281 -17.94 4.85 10.57
CA ALA A 281 -18.38 3.69 11.32
C ALA A 281 -17.91 3.79 12.78
N GLU A 282 -18.78 3.39 13.70
CA GLU A 282 -18.44 3.43 15.11
C GLU A 282 -17.53 2.25 15.41
N THR A 283 -17.81 1.13 14.77
CA THR A 283 -17.01 -0.08 14.96
C THR A 283 -16.66 -0.68 13.60
N PRO A 284 -15.56 -1.45 13.54
CA PRO A 284 -15.18 -2.07 12.26
C PRO A 284 -16.29 -2.95 11.72
N PHE A 285 -17.02 -3.59 12.63
CA PHE A 285 -18.11 -4.48 12.26
C PHE A 285 -19.26 -3.76 11.56
N GLU A 286 -19.28 -2.43 11.64
CA GLU A 286 -20.32 -1.64 11.00
C GLU A 286 -19.99 -1.25 9.56
N VAL A 287 -18.72 -1.37 9.20
CA VAL A 287 -18.29 -1.00 7.87
C VAL A 287 -18.99 -1.72 6.72
N PRO A 288 -19.10 -3.05 6.79
CA PRO A 288 -19.76 -3.77 5.71
C PRO A 288 -21.16 -3.25 5.37
N GLU A 289 -22.00 -3.04 6.38
CA GLU A 289 -23.35 -2.55 6.13
C GLU A 289 -23.34 -1.13 5.60
N LEU A 290 -22.39 -0.32 6.05
CA LEU A 290 -22.29 1.05 5.55
C LEU A 290 -21.94 1.01 4.06
N VAL A 291 -21.09 0.06 3.68
CA VAL A 291 -20.69 -0.09 2.28
C VAL A 291 -21.84 -0.64 1.43
N ARG A 292 -22.48 -1.70 1.91
CA ARG A 292 -23.58 -2.31 1.17
C ARG A 292 -24.65 -1.30 0.77
N LYS A 293 -24.98 -0.39 1.67
CA LYS A 293 -25.98 0.62 1.38
C LYS A 293 -25.45 1.63 0.36
N ALA A 294 -24.26 2.14 0.59
CA ALA A 294 -23.66 3.11 -0.32
C ALA A 294 -23.61 2.54 -1.74
N LEU A 295 -23.49 1.22 -1.84
CA LEU A 295 -23.44 0.58 -3.14
C LEU A 295 -24.83 0.42 -3.75
#